data_3A56
#
_entry.id   3A56
#
_cell.length_a   56.644
_cell.length_b   103.290
_cell.length_c   132.510
_cell.angle_alpha   90.00
_cell.angle_beta   90.00
_cell.angle_gamma   90.00
#
_symmetry.space_group_name_H-M   'P 21 21 21'
#
loop_
_entity.id
_entity.type
_entity.pdbx_description
1 polymer Protein-glutaminase
2 non-polymer 'CITRIC ACID'
3 water water
#
_entity_poly.entity_id   1
_entity_poly.type   'polypeptide(L)'
_entity_poly.pdbx_seq_one_letter_code
;DSNGNQEINGKEKLSVNDSKLKDFGKTVPVGIDEENGMIKVSFMLTAQFYEIKPTKENEQYIGMLRQAVKNESPVHIFLK
PNSNEIGKVESASPEDVRYFKTILTKEVKGQTNKLASVIPDVATLNSLFNQIKNQSCGTSTASSPCITFRYPVDGCYARA
HKMRQILMNNGYDCEKQFVYGNLKASTGTCCVAWSYHVAILVSYKNASGVTEKRIIDPSLFSSGPVTDTAWRNACVNTSC
GSASVSSYANTAGNVYYRSPSNSYLYDNNLINTNCVLTKFSLLSGCSPSPAPDVSSCGFHHHHHH
;
_entity_poly.pdbx_strand_id   A,B
#
loop_
_chem_comp.id
_chem_comp.type
_chem_comp.name
_chem_comp.formula
CIT non-polymer 'CITRIC ACID' 'C6 H8 O7'
#
# COMPACT_ATOMS: atom_id res chain seq x y z
N ASP A 18 23.57 -22.36 -14.32
CA ASP A 18 24.85 -22.95 -14.70
C ASP A 18 26.03 -22.26 -14.02
N SER A 19 27.24 -22.69 -14.35
CA SER A 19 28.46 -22.20 -13.72
C SER A 19 28.92 -20.86 -14.30
N LYS A 20 28.60 -20.62 -15.57
CA LYS A 20 28.90 -19.36 -16.22
C LYS A 20 28.08 -18.21 -15.62
N LEU A 21 26.87 -18.51 -15.17
CA LEU A 21 26.02 -17.50 -14.54
C LEU A 21 26.20 -17.47 -13.02
N LYS A 22 25.94 -16.31 -12.42
CA LYS A 22 26.07 -16.14 -10.99
C LYS A 22 24.78 -16.58 -10.32
N ASP A 23 24.89 -17.53 -9.39
CA ASP A 23 23.71 -18.04 -8.71
C ASP A 23 23.26 -17.09 -7.60
N PHE A 24 22.08 -16.49 -7.80
CA PHE A 24 21.52 -15.55 -6.84
C PHE A 24 20.70 -16.28 -5.79
N GLY A 25 20.34 -17.52 -6.10
CA GLY A 25 19.55 -18.33 -5.20
C GLY A 25 18.06 -18.19 -5.48
N LYS A 26 17.22 -18.69 -4.59
CA LYS A 26 15.79 -18.59 -4.75
C LYS A 26 15.26 -17.31 -4.11
N THR A 27 14.22 -16.76 -4.72
CA THR A 27 13.61 -15.57 -4.16
C THR A 27 12.21 -15.46 -4.73
N VAL A 28 11.45 -14.49 -4.23
CA VAL A 28 10.12 -14.25 -4.75
C VAL A 28 10.14 -12.86 -5.41
N PRO A 29 9.88 -12.81 -6.70
CA PRO A 29 9.77 -11.49 -7.36
C PRO A 29 8.50 -10.79 -6.90
N VAL A 30 8.55 -9.48 -6.70
CA VAL A 30 7.41 -8.74 -6.19
C VAL A 30 6.95 -7.58 -7.06
N GLY A 31 7.70 -7.31 -8.13
CA GLY A 31 7.29 -6.28 -9.06
C GLY A 31 7.95 -6.48 -10.42
N ILE A 32 7.26 -6.09 -11.47
CA ILE A 32 7.82 -6.14 -12.79
C ILE A 32 7.24 -5.01 -13.62
N ASP A 33 8.09 -4.26 -14.31
CA ASP A 33 7.65 -3.21 -15.22
CA ASP A 33 7.62 -3.27 -15.27
C ASP A 33 8.62 -3.08 -16.39
N GLU A 34 8.17 -2.44 -17.47
CA GLU A 34 9.07 -2.17 -18.60
C GLU A 34 9.44 -0.70 -18.65
N GLU A 35 10.73 -0.40 -18.49
CA GLU A 35 11.24 0.96 -18.56
C GLU A 35 12.41 1.05 -19.54
N ASN A 36 12.28 1.92 -20.54
CA ASN A 36 13.38 2.16 -21.47
C ASN A 36 13.86 0.88 -22.14
N GLY A 37 12.91 0.09 -22.65
CA GLY A 37 13.24 -1.14 -23.35
C GLY A 37 13.84 -2.21 -22.46
N MET A 38 13.78 -1.98 -21.16
CA MET A 38 14.28 -2.93 -20.17
C MET A 38 13.13 -3.40 -19.29
N ILE A 39 13.15 -4.66 -18.89
CA ILE A 39 12.21 -5.12 -17.89
C ILE A 39 12.91 -4.98 -16.54
N LYS A 40 12.29 -4.28 -15.60
CA LYS A 40 12.88 -4.03 -14.31
C LYS A 40 12.13 -4.89 -13.31
N VAL A 41 12.87 -5.71 -12.56
CA VAL A 41 12.24 -6.65 -11.64
C VAL A 41 12.68 -6.35 -10.21
N SER A 42 11.73 -6.39 -9.28
CA SER A 42 12.08 -6.25 -7.87
C SER A 42 11.78 -7.57 -7.17
N PHE A 43 12.50 -7.83 -6.09
CA PHE A 43 12.40 -9.11 -5.38
C PHE A 43 12.14 -8.83 -3.92
N MET A 44 11.61 -9.81 -3.19
CA MET A 44 11.41 -9.65 -1.77
C MET A 44 12.73 -9.32 -1.04
N LEU A 45 12.60 -8.50 0.02
CA LEU A 45 13.68 -8.19 0.97
C LEU A 45 14.77 -7.26 0.43
N THR A 46 15.45 -7.68 -0.64
CA THR A 46 16.40 -6.78 -1.26
C THR A 46 15.68 -5.57 -1.87
N ALA A 47 16.27 -4.39 -1.70
CA ALA A 47 15.70 -3.17 -2.29
C ALA A 47 16.22 -2.93 -3.71
N GLN A 48 17.08 -3.81 -4.21
CA GLN A 48 17.69 -3.58 -5.51
C GLN A 48 16.80 -4.01 -6.66
N PHE A 49 16.90 -3.28 -7.76
CA PHE A 49 16.29 -3.69 -9.01
C PHE A 49 17.21 -4.58 -9.80
N TYR A 50 16.62 -5.54 -10.50
CA TYR A 50 17.35 -6.37 -11.44
C TYR A 50 16.69 -6.18 -12.78
N GLU A 51 17.40 -6.48 -13.86
CA GLU A 51 16.87 -6.17 -15.18
CA GLU A 51 16.82 -6.20 -15.16
C GLU A 51 16.94 -7.38 -16.09
N ILE A 52 16.05 -7.42 -17.07
CA ILE A 52 16.17 -8.44 -18.10
C ILE A 52 15.66 -7.85 -19.41
N LYS A 53 16.37 -8.12 -20.50
CA LYS A 53 16.00 -7.56 -21.80
CA LYS A 53 16.00 -7.56 -21.79
C LYS A 53 14.87 -8.35 -22.44
N PRO A 54 13.85 -7.64 -22.96
CA PRO A 54 12.70 -8.31 -23.55
C PRO A 54 12.99 -8.78 -24.97
N THR A 55 13.82 -9.81 -25.06
CA THR A 55 14.16 -10.42 -26.35
C THR A 55 13.33 -11.68 -26.52
N LYS A 56 13.28 -12.21 -27.74
CA LYS A 56 12.56 -13.44 -27.96
C LYS A 56 13.14 -14.56 -27.09
N GLU A 57 14.45 -14.55 -26.93
CA GLU A 57 15.16 -15.55 -26.15
CA GLU A 57 15.07 -15.62 -26.17
C GLU A 57 14.76 -15.51 -24.69
N ASN A 58 14.39 -14.32 -24.22
CA ASN A 58 14.07 -14.17 -22.80
C ASN A 58 12.58 -14.25 -22.50
N GLU A 59 11.76 -14.50 -23.52
CA GLU A 59 10.32 -14.35 -23.37
C GLU A 59 9.75 -15.28 -22.30
N GLN A 60 10.29 -16.50 -22.19
CA GLN A 60 9.79 -17.43 -21.18
C GLN A 60 10.25 -17.07 -19.77
N TYR A 61 11.50 -16.67 -19.63
CA TYR A 61 12.00 -16.20 -18.33
C TYR A 61 11.14 -15.05 -17.84
N ILE A 62 10.82 -14.14 -18.75
CA ILE A 62 10.00 -13.00 -18.36
C ILE A 62 8.61 -13.45 -17.95
N GLY A 63 8.05 -14.40 -18.69
CA GLY A 63 6.74 -14.92 -18.31
C GLY A 63 6.76 -15.60 -16.96
N MET A 64 7.79 -16.41 -16.70
CA MET A 64 7.93 -17.03 -15.40
C MET A 64 7.95 -15.97 -14.30
N LEU A 65 8.70 -14.89 -14.55
CA LEU A 65 8.75 -13.80 -13.57
C LEU A 65 7.41 -13.12 -13.37
N ARG A 66 6.69 -12.89 -14.47
CA ARG A 66 5.40 -12.20 -14.39
CA ARG A 66 5.41 -12.20 -14.39
C ARG A 66 4.42 -13.03 -13.58
N GLN A 67 4.40 -14.33 -13.83
CA GLN A 67 3.49 -15.21 -13.08
C GLN A 67 3.88 -15.33 -11.62
N ALA A 68 5.18 -15.34 -11.35
CA ALA A 68 5.65 -15.41 -9.98
C ALA A 68 5.34 -14.12 -9.22
N VAL A 69 5.41 -12.98 -9.89
CA VAL A 69 5.01 -11.73 -9.23
C VAL A 69 3.52 -11.79 -8.91
N LYS A 70 2.74 -12.22 -9.88
CA LYS A 70 1.29 -12.27 -9.71
C LYS A 70 0.93 -13.10 -8.50
N ASN A 71 1.54 -14.28 -8.41
CA ASN A 71 1.18 -15.24 -7.38
C ASN A 71 2.04 -15.20 -6.12
N GLU A 72 2.98 -14.25 -6.06
CA GLU A 72 3.95 -14.20 -4.96
C GLU A 72 4.58 -15.57 -4.72
N SER A 73 5.15 -16.12 -5.78
CA SER A 73 5.72 -17.46 -5.73
CA SER A 73 5.72 -17.47 -5.75
C SER A 73 7.21 -17.39 -6.06
N PRO A 74 7.97 -18.37 -5.56
CA PRO A 74 9.43 -18.28 -5.74
C PRO A 74 9.92 -18.78 -7.08
N VAL A 75 11.08 -18.29 -7.48
CA VAL A 75 11.82 -18.80 -8.63
C VAL A 75 13.28 -18.81 -8.25
N HIS A 76 14.08 -19.42 -9.13
CA HIS A 76 15.51 -19.46 -8.94
C HIS A 76 16.15 -18.53 -9.97
N ILE A 77 16.92 -17.56 -9.48
CA ILE A 77 17.50 -16.52 -10.32
C ILE A 77 18.98 -16.75 -10.60
N PHE A 78 19.36 -16.69 -11.88
CA PHE A 78 20.77 -16.66 -12.26
C PHE A 78 21.10 -15.34 -12.93
N LEU A 79 22.18 -14.71 -12.50
CA LEU A 79 22.53 -13.37 -12.97
C LEU A 79 23.73 -13.43 -13.91
N LYS A 80 23.77 -12.50 -14.87
CA LYS A 80 25.02 -12.33 -15.63
C LYS A 80 26.05 -11.81 -14.64
N PRO A 81 27.27 -12.36 -14.70
CA PRO A 81 28.27 -12.03 -13.68
C PRO A 81 28.53 -10.53 -13.56
N ASN A 82 28.75 -10.07 -12.32
CA ASN A 82 29.10 -8.68 -12.08
C ASN A 82 28.04 -7.72 -12.58
N SER A 83 26.77 -8.06 -12.36
CA SER A 83 25.70 -7.22 -12.86
C SER A 83 24.41 -7.52 -12.14
N ASN A 84 23.42 -6.65 -12.34
CA ASN A 84 22.04 -6.87 -11.89
C ASN A 84 21.17 -7.41 -13.02
N GLU A 85 21.80 -7.95 -14.06
CA GLU A 85 21.04 -8.45 -15.19
C GLU A 85 20.72 -9.94 -15.03
N ILE A 86 19.44 -10.29 -15.16
CA ILE A 86 19.03 -11.67 -15.07
C ILE A 86 19.36 -12.42 -16.36
N GLY A 87 20.10 -13.52 -16.24
CA GLY A 87 20.45 -14.34 -17.40
C GLY A 87 19.57 -15.57 -17.60
N LYS A 88 19.04 -16.09 -16.50
CA LYS A 88 18.21 -17.30 -16.53
CA LYS A 88 18.15 -17.23 -16.58
C LYS A 88 17.26 -17.30 -15.33
N VAL A 89 16.07 -17.86 -15.52
CA VAL A 89 15.12 -18.07 -14.42
C VAL A 89 14.68 -19.51 -14.46
N GLU A 90 14.76 -20.19 -13.30
CA GLU A 90 14.32 -21.58 -13.23
C GLU A 90 13.18 -21.71 -12.21
N SER A 91 12.40 -22.76 -12.35
CA SER A 91 11.29 -23.02 -11.44
CA SER A 91 11.29 -23.02 -11.43
C SER A 91 11.79 -23.35 -10.04
N ALA A 92 10.96 -23.09 -9.04
CA ALA A 92 11.30 -23.43 -7.67
C ALA A 92 10.73 -24.81 -7.34
N SER A 93 11.34 -25.51 -6.40
CA SER A 93 10.85 -26.83 -6.02
C SER A 93 9.62 -26.71 -5.14
N PRO A 94 8.90 -27.82 -4.94
CA PRO A 94 7.77 -27.77 -4.00
C PRO A 94 8.28 -27.43 -2.60
N GLU A 95 9.47 -27.89 -2.25
CA GLU A 95 10.06 -27.57 -0.96
C GLU A 95 10.29 -26.06 -0.87
N ASP A 96 10.70 -25.46 -1.97
CA ASP A 96 10.88 -24.02 -2.03
C ASP A 96 9.55 -23.31 -1.80
N VAL A 97 8.53 -23.75 -2.54
CA VAL A 97 7.22 -23.12 -2.46
C VAL A 97 6.73 -23.16 -1.01
N ARG A 98 6.86 -24.32 -0.39
CA ARG A 98 6.44 -24.50 1.01
C ARG A 98 7.24 -23.56 1.90
N TYR A 99 8.57 -23.58 1.73
CA TYR A 99 9.44 -22.75 2.54
C TYR A 99 9.11 -21.25 2.46
N PHE A 100 8.92 -20.75 1.25
CA PHE A 100 8.63 -19.32 1.06
C PHE A 100 7.27 -18.94 1.61
N LYS A 101 6.31 -19.85 1.53
CA LYS A 101 4.99 -19.60 2.10
CA LYS A 101 4.99 -19.60 2.10
C LYS A 101 5.05 -19.48 3.62
N THR A 102 6.01 -20.15 4.22
CA THR A 102 6.17 -20.11 5.67
CA THR A 102 6.17 -20.11 5.68
C THR A 102 6.80 -18.82 6.19
N ILE A 103 7.82 -18.33 5.49
CA ILE A 103 8.51 -17.12 5.94
C ILE A 103 7.85 -15.83 5.45
N LEU A 104 7.24 -15.89 4.27
CA LEU A 104 6.54 -14.72 3.71
C LEU A 104 5.06 -14.98 3.84
N THR A 105 4.51 -14.54 4.96
CA THR A 105 3.26 -15.10 5.46
C THR A 105 2.15 -14.09 5.63
N LYS A 106 0.92 -14.60 5.68
CA LYS A 106 -0.23 -13.77 6.02
C LYS A 106 -0.59 -13.92 7.49
N GLU A 107 0.14 -14.79 8.18
CA GLU A 107 -0.01 -14.97 9.61
C GLU A 107 0.60 -13.79 10.33
N VAL A 108 -0.21 -13.09 11.11
CA VAL A 108 0.27 -11.92 11.84
C VAL A 108 0.64 -12.31 13.27
N LYS A 109 1.89 -12.02 13.64
CA LYS A 109 2.42 -12.39 14.94
C LYS A 109 2.82 -11.15 15.71
N GLY A 110 2.05 -10.78 16.73
CA GLY A 110 2.35 -9.62 17.53
C GLY A 110 3.59 -9.77 18.39
N GLN A 111 4.19 -8.64 18.77
CA GLN A 111 5.36 -8.61 19.63
C GLN A 111 5.00 -9.19 21.01
N THR A 112 5.81 -10.11 21.51
CA THR A 112 5.50 -10.84 22.74
C THR A 112 5.70 -10.04 24.03
N ASN A 113 6.88 -9.45 24.22
CA ASN A 113 7.10 -8.65 25.41
C ASN A 113 6.49 -7.26 25.28
N LYS A 114 5.86 -6.79 26.35
CA LYS A 114 5.18 -5.50 26.32
C LYS A 114 6.15 -4.32 26.41
N LEU A 115 5.93 -3.35 25.54
CA LEU A 115 6.74 -2.17 25.45
C LEU A 115 5.78 -1.00 25.29
N ALA A 116 6.27 0.22 25.52
CA ALA A 116 5.46 1.40 25.29
C ALA A 116 5.53 1.76 23.80
N SER A 117 4.36 1.93 23.19
CA SER A 117 4.30 2.26 21.77
CA SER A 117 4.31 2.25 21.77
C SER A 117 4.49 3.75 21.52
N VAL A 118 4.39 4.54 22.58
CA VAL A 118 4.48 5.98 22.44
C VAL A 118 5.54 6.58 23.34
N ILE A 119 6.48 7.29 22.73
CA ILE A 119 7.62 7.87 23.45
C ILE A 119 7.10 9.12 24.16
N PRO A 120 7.51 9.31 25.43
CA PRO A 120 6.81 10.28 26.30
C PRO A 120 7.00 11.76 25.93
N ASP A 121 8.12 12.08 25.28
CA ASP A 121 8.42 13.46 24.91
C ASP A 121 9.53 13.56 23.87
N VAL A 122 9.68 14.74 23.31
CA VAL A 122 10.68 14.99 22.25
CA VAL A 122 10.67 14.92 22.24
C VAL A 122 12.09 14.75 22.76
N ALA A 123 12.32 15.09 24.03
CA ALA A 123 13.64 14.92 24.61
C ALA A 123 14.05 13.46 24.56
N THR A 124 13.11 12.58 24.87
CA THR A 124 13.37 11.15 24.82
C THR A 124 13.52 10.68 23.37
N LEU A 125 12.66 11.19 22.48
CA LEU A 125 12.82 10.92 21.05
C LEU A 125 14.24 11.27 20.60
N ASN A 126 14.71 12.44 21.02
CA ASN A 126 16.05 12.88 20.62
C ASN A 126 17.14 11.99 21.22
N SER A 127 16.93 11.56 22.46
CA SER A 127 17.86 10.63 23.08
C SER A 127 17.94 9.34 22.26
N LEU A 128 16.77 8.81 21.90
CA LEU A 128 16.71 7.62 21.08
C LEU A 128 17.40 7.82 19.74
N PHE A 129 17.19 8.98 19.11
CA PHE A 129 17.85 9.26 17.85
C PHE A 129 19.37 9.21 18.02
N ASN A 130 19.86 9.82 19.10
CA ASN A 130 21.29 9.83 19.36
C ASN A 130 21.83 8.44 19.63
N GLN A 131 21.10 7.64 20.38
CA GLN A 131 21.53 6.27 20.62
C GLN A 131 21.64 5.50 19.32
N ILE A 132 20.65 5.67 18.45
CA ILE A 132 20.70 5.03 17.13
C ILE A 132 21.88 5.53 16.30
N LYS A 133 22.04 6.83 16.18
CA LYS A 133 23.14 7.36 15.38
C LYS A 133 24.51 6.95 15.95
N ASN A 134 24.60 6.83 17.26
CA ASN A 134 25.83 6.36 17.90
C ASN A 134 26.19 4.92 17.55
N GLN A 135 25.26 4.21 16.91
CA GLN A 135 25.52 2.84 16.52
C GLN A 135 25.92 2.71 15.04
N SER A 136 26.13 3.85 14.38
CA SER A 136 26.52 3.91 12.98
C SER A 136 27.90 3.31 12.78
N CYS A 137 28.04 2.48 11.76
CA CYS A 137 29.37 2.06 11.31
C CYS A 137 30.21 3.28 10.95
N GLY A 138 31.46 3.31 11.40
N GLY A 138 31.46 3.31 11.41
CA GLY A 138 32.29 4.47 11.15
CA GLY A 138 32.32 4.44 11.18
C GLY A 138 32.32 5.46 12.31
C GLY A 138 32.49 5.32 12.41
N THR A 139 31.65 5.10 13.41
CA THR A 139 31.73 5.90 14.66
C THR A 139 32.27 5.07 15.79
N SER A 140 33.14 5.69 16.61
CA SER A 140 33.78 4.98 17.72
CA SER A 140 33.78 4.97 17.71
C SER A 140 32.80 4.57 18.80
N THR A 141 31.66 5.24 18.88
CA THR A 141 30.63 4.87 19.85
C THR A 141 29.92 3.54 19.56
N ALA A 142 29.96 3.09 18.30
CA ALA A 142 29.18 1.93 17.91
C ALA A 142 29.72 0.60 18.43
N SER A 143 28.81 -0.31 18.75
CA SER A 143 29.17 -1.69 19.07
C SER A 143 28.87 -2.57 17.87
N SER A 144 29.48 -3.75 17.82
CA SER A 144 29.27 -4.68 16.71
C SER A 144 28.02 -5.50 16.97
N PRO A 145 27.25 -5.80 15.91
CA PRO A 145 27.45 -5.24 14.56
C PRO A 145 26.92 -3.82 14.53
N CYS A 146 27.67 -2.93 13.91
CA CYS A 146 27.23 -1.55 13.80
C CYS A 146 26.17 -1.44 12.71
N ILE A 147 25.39 -0.35 12.75
CA ILE A 147 24.37 -0.17 11.73
C ILE A 147 24.97 0.50 10.50
N THR A 148 24.79 -0.13 9.35
CA THR A 148 25.48 0.24 8.12
C THR A 148 24.85 1.42 7.36
N PHE A 149 24.56 2.50 8.07
CA PHE A 149 23.93 3.66 7.46
C PHE A 149 24.73 4.23 6.30
N ARG A 150 26.05 4.13 6.39
CA ARG A 150 26.92 4.71 5.37
C ARG A 150 26.90 3.92 4.08
N TYR A 151 26.25 2.76 4.07
CA TYR A 151 26.14 1.95 2.86
C TYR A 151 24.67 1.86 2.45
N PRO A 152 24.21 2.82 1.64
CA PRO A 152 22.79 2.90 1.29
C PRO A 152 22.36 1.96 0.17
N VAL A 153 23.30 1.27 -0.48
CA VAL A 153 22.95 0.40 -1.60
C VAL A 153 21.83 -0.57 -1.26
N ASP A 154 21.95 -1.26 -0.13
CA ASP A 154 20.91 -2.23 0.25
C ASP A 154 20.95 -2.44 1.75
N GLY A 155 20.03 -3.24 2.27
CA GLY A 155 20.04 -3.56 3.69
C GLY A 155 19.17 -2.68 4.56
N CYS A 156 18.30 -1.87 3.96
CA CYS A 156 17.44 -0.98 4.76
C CYS A 156 16.67 -1.76 5.81
N TYR A 157 16.26 -2.97 5.44
CA TYR A 157 15.42 -3.80 6.30
C TYR A 157 16.18 -4.17 7.58
N ALA A 158 17.46 -4.53 7.43
CA ALA A 158 18.31 -4.82 8.58
C ALA A 158 18.59 -3.58 9.41
N ARG A 159 18.87 -2.46 8.76
CA ARG A 159 19.12 -1.23 9.51
C ARG A 159 17.90 -0.86 10.34
N ALA A 160 16.72 -0.97 9.75
CA ALA A 160 15.50 -0.58 10.45
C ALA A 160 15.24 -1.48 11.65
N HIS A 161 15.49 -2.78 11.48
CA HIS A 161 15.21 -3.73 12.56
C HIS A 161 16.20 -3.51 13.69
N LYS A 162 17.45 -3.19 13.35
CA LYS A 162 18.42 -2.89 14.41
C LYS A 162 18.10 -1.58 15.13
N MET A 163 17.59 -0.59 14.40
CA MET A 163 17.14 0.66 15.04
C MET A 163 16.02 0.35 16.03
N ARG A 164 15.13 -0.54 15.63
CA ARG A 164 14.00 -0.88 16.49
C ARG A 164 14.52 -1.56 17.74
N GLN A 165 15.54 -2.40 17.59
CA GLN A 165 16.09 -3.09 18.76
C GLN A 165 16.59 -2.08 19.78
N ILE A 166 17.21 -1.00 19.30
CA ILE A 166 17.69 0.02 20.22
C ILE A 166 16.50 0.63 20.97
N LEU A 167 15.40 0.92 20.26
CA LEU A 167 14.22 1.42 20.95
C LEU A 167 13.76 0.40 21.99
N MET A 168 13.75 -0.87 21.62
CA MET A 168 13.24 -1.90 22.54
C MET A 168 14.13 -2.02 23.77
N ASN A 169 15.43 -1.80 23.59
CA ASN A 169 16.38 -1.79 24.70
C ASN A 169 16.05 -0.68 25.69
N ASN A 170 15.30 0.32 25.23
CA ASN A 170 14.89 1.46 26.06
C ASN A 170 13.44 1.32 26.53
N GLY A 171 12.80 0.21 26.19
CA GLY A 171 11.44 -0.04 26.61
C GLY A 171 10.36 0.44 25.67
N TYR A 172 10.73 0.68 24.41
CA TYR A 172 9.78 1.21 23.43
C TYR A 172 9.65 0.31 22.22
N ASP A 173 8.47 0.34 21.60
CA ASP A 173 8.34 -0.23 20.26
C ASP A 173 8.05 0.91 19.28
N CYS A 174 7.85 0.56 18.02
CA CYS A 174 7.60 1.55 17.01
C CYS A 174 6.92 0.87 15.84
N GLU A 175 6.62 1.64 14.80
CA GLU A 175 6.14 1.09 13.57
C GLU A 175 7.27 1.06 12.53
N LYS A 176 7.02 0.36 11.43
CA LYS A 176 7.86 0.52 10.23
C LYS A 176 7.01 1.26 9.22
N GLN A 177 7.65 2.07 8.40
CA GLN A 177 7.00 2.52 7.17
C GLN A 177 7.78 1.97 6.01
N PHE A 178 7.09 1.27 5.11
CA PHE A 178 7.67 0.78 3.85
C PHE A 178 7.15 1.67 2.75
N VAL A 179 8.06 2.23 1.95
CA VAL A 179 7.66 3.02 0.80
C VAL A 179 8.15 2.28 -0.44
N TYR A 180 7.33 2.24 -1.49
CA TYR A 180 7.64 1.44 -2.67
C TYR A 180 7.50 2.29 -3.91
N GLY A 181 8.36 2.03 -4.90
CA GLY A 181 8.21 2.67 -6.18
C GLY A 181 9.49 2.62 -6.97
N ASN A 182 9.62 3.58 -7.88
CA ASN A 182 10.85 3.75 -8.63
C ASN A 182 11.66 4.74 -7.81
N LEU A 183 12.37 4.24 -6.80
CA LEU A 183 12.97 5.14 -5.82
C LEU A 183 14.44 5.44 -6.15
N LYS A 184 14.86 6.67 -5.84
CA LYS A 184 16.28 7.04 -5.96
C LYS A 184 16.62 7.98 -4.82
N ALA A 185 17.79 7.79 -4.22
CA ALA A 185 18.23 8.62 -3.11
C ALA A 185 19.69 8.98 -3.28
N SER A 186 20.08 10.11 -2.71
CA SER A 186 21.46 10.58 -2.83
C SER A 186 22.07 10.72 -1.46
N THR A 187 23.34 10.31 -1.33
CA THR A 187 24.09 10.53 -0.09
C THR A 187 24.64 11.93 -0.01
N GLY A 188 24.48 12.69 -1.09
CA GLY A 188 25.18 13.96 -1.24
C GLY A 188 26.33 13.83 -2.23
N THR A 189 26.86 12.61 -2.38
CA THR A 189 27.98 12.39 -3.30
C THR A 189 27.72 11.28 -4.32
N CYS A 190 26.75 10.41 -4.06
CA CYS A 190 26.41 9.38 -5.02
C CYS A 190 24.94 8.98 -4.86
N CYS A 191 24.40 8.35 -5.90
CA CYS A 191 22.99 7.96 -5.93
C CYS A 191 22.84 6.46 -5.84
N VAL A 192 21.74 6.02 -5.22
CA VAL A 192 21.33 4.63 -5.28
C VAL A 192 19.88 4.55 -5.80
N ALA A 193 19.54 3.42 -6.40
CA ALA A 193 18.16 3.16 -6.84
C ALA A 193 17.59 2.02 -6.01
N TRP A 194 16.33 2.17 -5.61
CA TRP A 194 15.69 1.17 -4.80
C TRP A 194 14.29 0.89 -5.30
N SER A 195 13.81 -0.33 -5.09
CA SER A 195 12.41 -0.64 -5.35
C SER A 195 11.52 -0.37 -4.14
N TYR A 196 12.12 -0.31 -2.96
CA TYR A 196 11.41 0.08 -1.75
C TYR A 196 12.42 0.54 -0.73
N HIS A 197 11.95 1.24 0.28
CA HIS A 197 12.80 1.58 1.40
C HIS A 197 11.97 1.42 2.68
N VAL A 198 12.64 1.21 3.80
CA VAL A 198 11.93 1.12 5.09
C VAL A 198 12.76 1.82 6.15
N ALA A 199 12.10 2.38 7.16
CA ALA A 199 12.75 2.94 8.34
C ALA A 199 11.76 2.84 9.49
N ILE A 200 12.20 3.18 10.69
CA ILE A 200 11.30 3.12 11.83
C ILE A 200 10.48 4.39 11.90
N LEU A 201 9.19 4.22 12.20
CA LEU A 201 8.26 5.32 12.36
C LEU A 201 7.88 5.37 13.83
N VAL A 202 8.38 6.39 14.52
CA VAL A 202 8.29 6.46 15.98
CA VAL A 202 8.26 6.42 15.98
C VAL A 202 7.19 7.42 16.40
N SER A 203 6.33 6.99 17.33
CA SER A 203 5.27 7.84 17.86
C SER A 203 5.79 8.47 19.16
N TYR A 204 5.55 9.77 19.35
CA TYR A 204 5.95 10.44 20.59
C TYR A 204 4.91 11.53 20.93
N LYS A 205 4.84 11.90 22.20
CA LYS A 205 3.94 12.97 22.59
CA LYS A 205 3.95 12.98 22.62
C LYS A 205 4.65 14.32 22.49
N ASN A 206 4.02 15.25 21.77
CA ASN A 206 4.61 16.58 21.64
C ASN A 206 4.43 17.36 22.94
N ALA A 207 4.73 18.65 22.91
CA ALA A 207 4.66 19.48 24.10
C ALA A 207 3.26 19.55 24.72
N SER A 208 2.23 19.34 23.90
CA SER A 208 0.86 19.45 24.37
CA SER A 208 0.86 19.45 24.36
C SER A 208 0.21 18.10 24.62
N GLY A 209 1.02 17.04 24.57
CA GLY A 209 0.51 15.70 24.82
C GLY A 209 -0.13 15.01 23.63
N VAL A 210 -0.02 15.62 22.45
CA VAL A 210 -0.61 15.07 21.24
C VAL A 210 0.38 14.14 20.56
N THR A 211 -0.07 12.98 20.14
CA THR A 211 0.86 12.01 19.53
C THR A 211 1.20 12.42 18.11
N GLU A 212 2.50 12.53 17.86
CA GLU A 212 3.02 12.83 16.55
C GLU A 212 3.95 11.69 16.18
N LYS A 213 4.27 11.56 14.90
CA LYS A 213 5.19 10.51 14.45
C LYS A 213 6.31 11.10 13.63
N ARG A 214 7.48 10.49 13.73
CA ARG A 214 8.62 10.87 12.91
C ARG A 214 9.34 9.63 12.46
N ILE A 215 9.96 9.70 11.27
CA ILE A 215 10.88 8.67 10.85
C ILE A 215 12.25 8.92 11.46
N ILE A 216 12.91 7.84 11.88
CA ILE A 216 14.33 7.94 12.15
C ILE A 216 15.06 7.14 11.08
N ASP A 217 15.95 7.80 10.34
CA ASP A 217 16.71 7.13 9.30
C ASP A 217 18.01 7.87 8.99
N PRO A 218 19.06 7.59 9.78
CA PRO A 218 20.36 8.23 9.55
C PRO A 218 21.01 7.89 8.21
N SER A 219 20.47 6.96 7.43
CA SER A 219 21.03 6.71 6.11
CA SER A 219 21.00 6.70 6.10
C SER A 219 20.62 7.84 5.15
N LEU A 220 19.59 8.59 5.51
CA LEU A 220 19.09 9.68 4.70
C LEU A 220 19.09 11.03 5.42
N PHE A 221 18.91 11.02 6.74
CA PHE A 221 18.85 12.26 7.52
C PHE A 221 19.73 12.13 8.74
N SER A 222 20.87 12.81 8.70
CA SER A 222 21.84 12.69 9.79
CA SER A 222 21.84 12.68 9.78
C SER A 222 21.50 13.58 10.97
N SER A 223 20.64 14.57 10.76
CA SER A 223 20.39 15.62 11.76
CA SER A 223 20.43 15.59 11.78
C SER A 223 19.46 15.20 12.90
N GLY A 224 18.49 14.34 12.61
CA GLY A 224 17.50 13.98 13.61
C GLY A 224 16.29 13.34 12.97
N PRO A 225 15.25 13.05 13.77
CA PRO A 225 14.01 12.50 13.20
C PRO A 225 13.38 13.49 12.23
N VAL A 226 12.65 12.99 11.24
CA VAL A 226 12.03 13.84 10.25
C VAL A 226 10.61 13.34 9.99
N THR A 227 9.80 14.14 9.32
CA THR A 227 8.45 13.67 9.02
C THR A 227 8.55 12.56 7.97
N ASP A 228 7.55 11.69 7.96
CA ASP A 228 7.57 10.64 6.95
C ASP A 228 7.42 11.25 5.57
N THR A 229 6.67 12.35 5.49
CA THR A 229 6.54 13.08 4.23
C THR A 229 7.91 13.48 3.67
N ALA A 230 8.73 14.10 4.52
CA ALA A 230 10.08 14.51 4.12
C ALA A 230 10.95 13.31 3.75
N TRP A 231 10.81 12.24 4.51
CA TRP A 231 11.58 11.02 4.26
C TRP A 231 11.20 10.37 2.92
N ARG A 232 9.91 10.25 2.65
CA ARG A 232 9.50 9.70 1.35
C ARG A 232 10.02 10.57 0.19
N ASN A 233 10.01 11.88 0.40
CA ASN A 233 10.53 12.78 -0.62
C ASN A 233 12.01 12.52 -0.92
N ALA A 234 12.78 12.19 0.12
CA ALA A 234 14.20 11.89 -0.07
C ALA A 234 14.43 10.59 -0.83
N CYS A 235 13.38 9.77 -0.95
CA CYS A 235 13.44 8.52 -1.70
C CYS A 235 13.06 8.72 -3.15
N VAL A 236 12.71 9.94 -3.52
CA VAL A 236 12.41 10.23 -4.92
C VAL A 236 13.22 11.43 -5.37
N ASN A 237 14.52 11.30 -5.18
CA ASN A 237 15.46 12.37 -5.49
C ASN A 237 15.73 12.41 -6.99
N THR A 238 15.07 13.33 -7.68
CA THR A 238 15.11 13.37 -9.14
C THR A 238 16.43 13.89 -9.69
N SER A 239 17.30 14.40 -8.81
CA SER A 239 18.66 14.75 -9.24
CA SER A 239 18.66 14.74 -9.21
C SER A 239 19.42 13.47 -9.60
N CYS A 240 18.89 12.33 -9.18
CA CYS A 240 19.50 11.04 -9.46
C CYS A 240 18.98 10.37 -10.72
N GLY A 241 17.88 10.89 -11.25
CA GLY A 241 17.22 10.27 -12.38
C GLY A 241 15.71 10.26 -12.15
N SER A 242 15.00 9.44 -12.91
CA SER A 242 13.55 9.33 -12.76
C SER A 242 13.22 8.69 -11.42
N ALA A 243 12.17 9.18 -10.76
CA ALA A 243 11.75 8.60 -9.48
C ALA A 243 10.30 8.92 -9.17
N SER A 244 9.61 7.98 -8.55
CA SER A 244 8.28 8.24 -8.05
C SER A 244 7.90 7.17 -7.04
N VAL A 245 6.99 7.53 -6.15
CA VAL A 245 6.45 6.60 -5.17
C VAL A 245 5.16 6.01 -5.72
N SER A 246 4.97 4.71 -5.55
CA SER A 246 3.73 4.08 -5.96
CA SER A 246 3.72 4.09 -5.96
C SER A 246 2.85 3.70 -4.77
N SER A 247 3.44 3.56 -3.60
CA SER A 247 2.67 3.19 -2.41
CA SER A 247 2.68 3.18 -2.41
C SER A 247 3.51 3.31 -1.15
N TYR A 248 2.84 3.39 0.00
CA TYR A 248 3.54 3.18 1.25
C TYR A 248 2.58 2.47 2.18
N ALA A 249 3.14 1.77 3.17
CA ALA A 249 2.31 1.12 4.18
C ALA A 249 3.02 1.19 5.52
N ASN A 250 2.25 1.46 6.57
CA ASN A 250 2.78 1.44 7.94
C ASN A 250 2.48 0.07 8.54
N THR A 251 3.45 -0.51 9.23
CA THR A 251 3.24 -1.83 9.85
C THR A 251 3.71 -1.80 11.30
N ALA A 252 3.35 -2.83 12.05
CA ALA A 252 3.95 -3.05 13.36
C ALA A 252 5.46 -3.11 13.22
N GLY A 253 6.16 -2.65 14.26
CA GLY A 253 7.61 -2.61 14.26
C GLY A 253 8.24 -3.96 14.01
N ASN A 254 7.61 -5.03 14.47
CA ASN A 254 8.24 -6.34 14.37
C ASN A 254 8.23 -6.94 12.96
N VAL A 255 7.53 -6.29 12.04
CA VAL A 255 7.61 -6.72 10.64
C VAL A 255 8.99 -6.36 10.06
N TYR A 256 9.72 -7.37 9.61
CA TYR A 256 11.06 -7.18 9.06
C TYR A 256 10.96 -6.67 7.63
N TYR A 257 10.04 -7.27 6.88
CA TYR A 257 9.82 -6.90 5.48
C TYR A 257 8.36 -7.10 5.16
N ARG A 258 7.76 -6.16 4.45
CA ARG A 258 6.38 -6.32 3.99
C ARG A 258 6.40 -6.34 2.46
N SER A 259 5.77 -7.33 1.86
CA SER A 259 5.74 -7.40 0.40
C SER A 259 4.65 -6.46 -0.13
N PRO A 260 4.69 -6.18 -1.45
CA PRO A 260 3.63 -5.36 -2.04
C PRO A 260 2.27 -6.05 -1.94
N SER A 261 2.24 -7.35 -1.66
CA SER A 261 0.96 -8.02 -1.47
CA SER A 261 0.96 -8.03 -1.47
C SER A 261 0.55 -8.11 0.00
N ASN A 262 1.21 -7.33 0.84
CA ASN A 262 0.91 -7.27 2.27
C ASN A 262 1.22 -8.56 3.02
N SER A 263 2.12 -9.38 2.48
CA SER A 263 2.68 -10.49 3.25
C SER A 263 3.81 -9.95 4.13
N TYR A 264 4.00 -10.58 5.28
CA TYR A 264 5.01 -10.16 6.25
C TYR A 264 6.11 -11.20 6.35
N LEU A 265 7.33 -10.72 6.54
CA LEU A 265 8.47 -11.55 6.86
C LEU A 265 8.98 -11.07 8.20
N TYR A 266 9.30 -12.01 9.11
CA TYR A 266 9.75 -11.64 10.45
C TYR A 266 11.21 -12.01 10.66
N ASP A 267 11.83 -11.40 11.67
CA ASP A 267 13.21 -11.72 12.05
C ASP A 267 13.31 -11.52 13.55
N ASN A 268 12.56 -12.34 14.30
CA ASN A 268 12.33 -12.06 15.71
C ASN A 268 13.54 -12.08 16.63
N ASN A 269 14.58 -12.82 16.24
CA ASN A 269 15.80 -12.89 17.03
C ASN A 269 16.95 -12.14 16.38
N LEU A 270 16.63 -11.31 15.39
CA LEU A 270 17.63 -10.52 14.70
CA LEU A 270 17.62 -10.53 14.66
C LEU A 270 18.73 -11.39 14.06
N ILE A 271 18.42 -12.65 13.80
CA ILE A 271 19.40 -13.54 13.17
CA ILE A 271 19.40 -13.54 13.17
C ILE A 271 19.76 -13.00 11.79
N ASN A 272 18.76 -12.65 11.01
CA ASN A 272 19.01 -12.14 9.67
C ASN A 272 19.63 -10.74 9.74
N THR A 273 19.05 -9.88 10.58
CA THR A 273 19.53 -8.52 10.77
C THR A 273 21.02 -8.46 11.07
N ASN A 274 21.45 -9.19 12.09
CA ASN A 274 22.84 -9.14 12.49
C ASN A 274 23.77 -9.71 11.43
N CYS A 275 23.31 -10.76 10.77
CA CYS A 275 24.08 -11.37 9.69
C CYS A 275 24.29 -10.37 8.53
N VAL A 276 23.22 -9.71 8.13
CA VAL A 276 23.33 -8.70 7.06
C VAL A 276 24.20 -7.52 7.46
N LEU A 277 24.00 -6.99 8.66
CA LEU A 277 24.81 -5.88 9.12
C LEU A 277 26.29 -6.28 9.17
N THR A 278 26.55 -7.50 9.58
CA THR A 278 27.93 -7.99 9.62
C THR A 278 28.53 -8.07 8.21
N LYS A 279 27.75 -8.60 7.27
CA LYS A 279 28.21 -8.71 5.89
C LYS A 279 28.53 -7.35 5.29
N PHE A 280 27.73 -6.33 5.61
CA PHE A 280 27.93 -5.00 5.03
C PHE A 280 28.79 -4.08 5.88
N SER A 281 29.32 -4.61 6.98
CA SER A 281 29.96 -3.79 7.99
CA SER A 281 29.94 -3.78 7.99
C SER A 281 31.05 -2.86 7.46
N LEU A 282 31.83 -3.36 6.51
N LEU A 282 31.86 -3.33 6.51
CA LEU A 282 32.98 -2.64 5.95
CA LEU A 282 32.96 -2.52 6.02
C LEU A 282 32.69 -1.99 4.61
C LEU A 282 32.62 -1.70 4.78
N LEU A 283 31.41 -1.88 4.27
CA LEU A 283 31.03 -1.24 3.02
C LEU A 283 30.54 0.19 3.27
N SER A 284 30.77 1.05 2.29
CA SER A 284 30.43 2.45 2.43
CA SER A 284 30.39 2.45 2.42
C SER A 284 30.24 3.07 1.05
N GLY A 285 29.32 4.01 0.92
CA GLY A 285 29.05 4.66 -0.35
C GLY A 285 28.11 3.86 -1.23
N CYS A 286 28.17 4.12 -2.52
CA CYS A 286 27.16 3.57 -3.44
C CYS A 286 27.68 2.39 -4.25
N SER A 287 28.83 1.86 -3.83
CA SER A 287 29.42 0.62 -4.36
C SER A 287 29.88 -0.25 -3.18
N PRO A 288 29.86 -1.59 -3.33
CA PRO A 288 29.50 -2.35 -4.54
C PRO A 288 28.00 -2.34 -4.82
N SER A 289 27.64 -2.42 -6.10
CA SER A 289 26.24 -2.56 -6.49
C SER A 289 26.25 -3.47 -7.70
N PRO A 290 25.56 -4.62 -7.61
CA PRO A 290 24.73 -5.06 -6.48
CA PRO A 290 24.73 -5.06 -6.48
C PRO A 290 25.53 -5.32 -5.21
N ALA A 291 24.82 -5.29 -4.08
CA ALA A 291 25.45 -5.57 -2.80
C ALA A 291 25.89 -7.02 -2.77
N PRO A 292 26.77 -7.36 -1.82
CA PRO A 292 27.21 -8.74 -1.66
C PRO A 292 26.06 -9.69 -1.32
N ASP A 293 26.25 -10.96 -1.63
CA ASP A 293 25.28 -12.01 -1.35
C ASP A 293 25.02 -12.09 0.15
N VAL A 294 23.74 -12.24 0.50
N VAL A 294 23.74 -12.17 0.53
CA VAL A 294 23.34 -12.34 1.90
CA VAL A 294 23.36 -12.35 1.93
C VAL A 294 22.34 -13.48 2.07
C VAL A 294 22.34 -13.49 2.08
N SER A 295 22.23 -14.30 1.04
CA SER A 295 21.25 -15.39 1.03
CA SER A 295 21.24 -15.39 1.03
C SER A 295 21.56 -16.44 2.08
N SER A 296 22.85 -16.55 2.44
CA SER A 296 23.29 -17.47 3.48
C SER A 296 22.78 -17.09 4.86
N CYS A 297 22.52 -15.80 5.08
CA CYS A 297 21.95 -15.36 6.35
C CYS A 297 20.58 -15.99 6.45
N GLY A 298 20.36 -16.77 7.49
CA GLY A 298 19.08 -17.45 7.63
C GLY A 298 18.15 -16.66 8.51
N PHE A 299 17.18 -17.36 9.11
CA PHE A 299 16.28 -16.78 10.09
C PHE A 299 16.22 -17.65 11.34
N SER B 19 -32.95 -15.41 11.28
CA SER B 19 -33.87 -14.82 12.25
C SER B 19 -34.45 -13.52 11.71
N LYS B 20 -34.27 -12.45 12.48
CA LYS B 20 -34.64 -11.12 12.03
C LYS B 20 -33.50 -10.55 11.18
N LEU B 21 -32.51 -11.38 10.91
CA LEU B 21 -31.28 -10.92 10.26
C LEU B 21 -31.45 -10.67 8.77
N LYS B 22 -30.88 -9.56 8.31
CA LYS B 22 -30.88 -9.23 6.89
C LYS B 22 -29.70 -9.90 6.20
N ASP B 23 -29.96 -10.57 5.08
CA ASP B 23 -28.94 -11.30 4.34
C ASP B 23 -28.10 -10.34 3.52
N PHE B 24 -26.86 -10.14 3.94
CA PHE B 24 -25.94 -9.20 3.30
C PHE B 24 -25.27 -9.85 2.10
N GLY B 25 -25.32 -11.18 2.06
CA GLY B 25 -24.72 -11.92 0.96
C GLY B 25 -23.30 -12.29 1.31
N LYS B 26 -22.56 -12.79 0.33
CA LYS B 26 -21.17 -13.17 0.57
C LYS B 26 -20.26 -12.01 0.26
N THR B 27 -19.14 -11.95 0.97
CA THR B 27 -18.17 -10.90 0.73
C THR B 27 -16.87 -11.31 1.39
N VAL B 28 -15.82 -10.51 1.14
CA VAL B 28 -14.52 -10.76 1.72
C VAL B 28 -14.21 -9.62 2.67
N PRO B 29 -14.07 -9.95 3.96
CA PRO B 29 -13.67 -8.91 4.90
C PRO B 29 -12.21 -8.57 4.64
N VAL B 30 -11.84 -7.31 4.86
CA VAL B 30 -10.47 -6.89 4.58
C VAL B 30 -9.85 -6.17 5.78
N GLY B 31 -10.62 -6.00 6.84
CA GLY B 31 -10.08 -5.39 8.05
C GLY B 31 -10.90 -5.65 9.30
N ILE B 32 -10.21 -5.74 10.43
CA ILE B 32 -10.92 -5.92 11.68
C ILE B 32 -10.16 -5.23 12.81
N ASP B 33 -10.82 -4.26 13.43
CA ASP B 33 -10.19 -3.47 14.48
CA ASP B 33 -10.21 -3.43 14.47
C ASP B 33 -10.99 -3.55 15.78
N GLU B 34 -10.35 -4.09 16.82
CA GLU B 34 -10.97 -4.23 18.13
C GLU B 34 -10.95 -2.90 18.89
N GLU B 35 -12.12 -2.45 19.33
CA GLU B 35 -12.24 -1.20 20.07
C GLU B 35 -13.02 -1.38 21.37
N ASN B 36 -13.07 -0.33 22.17
CA ASN B 36 -13.74 -0.38 23.46
C ASN B 36 -15.25 -0.52 23.33
N GLY B 37 -15.75 -1.75 23.49
CA GLY B 37 -17.17 -2.03 23.45
C GLY B 37 -17.69 -2.42 22.08
N MET B 38 -16.79 -2.41 21.09
CA MET B 38 -17.18 -2.73 19.72
C MET B 38 -15.97 -3.10 18.89
N ILE B 39 -16.19 -3.91 17.85
CA ILE B 39 -15.15 -4.28 16.90
C ILE B 39 -15.55 -3.70 15.54
N LYS B 40 -14.62 -3.04 14.86
CA LYS B 40 -14.91 -2.44 13.56
C LYS B 40 -14.45 -3.38 12.45
N VAL B 41 -15.37 -3.70 11.54
CA VAL B 41 -15.07 -4.63 10.48
C VAL B 41 -15.23 -3.91 9.14
N SER B 42 -14.28 -4.16 8.23
CA SER B 42 -14.35 -3.56 6.91
C SER B 42 -14.40 -4.67 5.87
N PHE B 43 -15.10 -4.43 4.77
CA PHE B 43 -15.25 -5.44 3.73
C PHE B 43 -14.77 -4.89 2.38
N MET B 44 -14.54 -5.81 1.46
CA MET B 44 -14.18 -5.42 0.10
C MET B 44 -15.22 -4.50 -0.53
N LEU B 45 -14.70 -3.58 -1.36
CA LEU B 45 -15.51 -2.67 -2.17
C LEU B 45 -16.22 -1.57 -1.40
N THR B 46 -17.11 -1.92 -0.47
CA THR B 46 -17.73 -0.87 0.33
C THR B 46 -16.67 -0.20 1.23
N ALA B 47 -16.76 1.12 1.36
CA ALA B 47 -15.85 1.87 2.23
C ALA B 47 -16.39 1.95 3.66
N GLN B 48 -17.57 1.39 3.90
CA GLN B 48 -18.23 1.55 5.19
C GLN B 48 -17.67 0.61 6.24
N PHE B 49 -17.70 1.07 7.50
CA PHE B 49 -17.38 0.18 8.59
C PHE B 49 -18.65 -0.47 9.10
N TYR B 50 -18.53 -1.74 9.44
CA TYR B 50 -19.57 -2.44 10.16
C TYR B 50 -19.07 -2.72 11.56
N GLU B 51 -19.98 -3.11 12.45
CA GLU B 51 -19.60 -3.37 13.83
CA GLU B 51 -19.59 -3.37 13.83
C GLU B 51 -20.06 -4.76 14.23
N ILE B 52 -19.28 -5.44 15.07
CA ILE B 52 -19.73 -6.68 15.69
C ILE B 52 -19.41 -6.59 17.18
N LYS B 53 -20.34 -6.98 18.03
CA LYS B 53 -20.14 -6.88 19.47
CA LYS B 53 -20.12 -6.86 19.46
C LYS B 53 -19.22 -7.99 19.99
N PRO B 54 -18.29 -7.64 20.89
CA PRO B 54 -17.33 -8.57 21.48
C PRO B 54 -17.98 -9.44 22.56
N THR B 55 -19.04 -10.15 22.20
CA THR B 55 -19.76 -11.01 23.13
CA THR B 55 -19.74 -11.02 23.15
C THR B 55 -19.31 -12.47 22.99
N LYS B 56 -19.50 -13.25 24.05
CA LYS B 56 -19.17 -14.68 24.01
C LYS B 56 -19.98 -15.38 22.92
N GLU B 57 -21.17 -14.86 22.67
CA GLU B 57 -22.07 -15.39 21.65
CA GLU B 57 -22.06 -15.40 21.65
C GLU B 57 -21.51 -15.21 20.24
N ASN B 58 -20.91 -14.04 20.00
CA ASN B 58 -20.33 -13.71 18.69
C ASN B 58 -18.92 -14.27 18.51
N GLU B 59 -18.41 -14.92 19.54
CA GLU B 59 -17.01 -15.31 19.59
C GLU B 59 -16.57 -16.08 18.35
N GLN B 60 -17.38 -17.02 17.92
CA GLN B 60 -17.01 -17.82 16.79
C GLN B 60 -17.10 -17.04 15.50
N TYR B 61 -18.09 -16.16 15.41
CA TYR B 61 -18.26 -15.33 14.23
C TYR B 61 -17.02 -14.44 14.07
N ILE B 62 -16.51 -13.96 15.20
CA ILE B 62 -15.34 -13.09 15.20
C ILE B 62 -14.09 -13.83 14.71
N GLY B 63 -13.89 -15.05 15.20
CA GLY B 63 -12.79 -15.88 14.74
C GLY B 63 -12.86 -16.11 13.25
N MET B 64 -14.07 -16.30 12.74
CA MET B 64 -14.25 -16.52 11.31
C MET B 64 -13.84 -15.27 10.53
N LEU B 65 -14.23 -14.11 11.04
CA LEU B 65 -13.89 -12.84 10.41
C LEU B 65 -12.37 -12.63 10.41
N ARG B 66 -11.75 -12.85 11.56
CA ARG B 66 -10.30 -12.73 11.70
CA ARG B 66 -10.31 -12.69 11.67
C ARG B 66 -9.58 -13.53 10.63
N GLN B 67 -9.99 -14.79 10.49
CA GLN B 67 -9.31 -15.68 9.56
CA GLN B 67 -9.31 -15.69 9.56
C GLN B 67 -9.55 -15.27 8.11
N ALA B 68 -10.76 -14.83 7.82
CA ALA B 68 -11.11 -14.41 6.47
C ALA B 68 -10.35 -13.15 6.07
N VAL B 69 -10.25 -12.20 7.00
CA VAL B 69 -9.42 -11.01 6.77
C VAL B 69 -7.98 -11.41 6.45
N LYS B 70 -7.47 -12.36 7.23
CA LYS B 70 -6.10 -12.81 7.05
C LYS B 70 -5.87 -13.36 5.64
N ASN B 71 -6.74 -14.28 5.22
CA ASN B 71 -6.53 -15.02 3.98
C ASN B 71 -7.27 -14.46 2.78
N GLU B 72 -7.96 -13.34 2.95
CA GLU B 72 -8.77 -12.77 1.88
C GLU B 72 -9.72 -13.82 1.31
N SER B 73 -10.52 -14.40 2.21
CA SER B 73 -11.47 -15.42 1.81
C SER B 73 -12.89 -14.95 2.11
N PRO B 74 -13.87 -15.50 1.39
CA PRO B 74 -15.24 -15.02 1.55
C PRO B 74 -15.96 -15.64 2.76
N VAL B 75 -16.93 -14.91 3.26
CA VAL B 75 -17.86 -15.43 4.26
C VAL B 75 -19.26 -14.92 3.95
N HIS B 76 -20.26 -15.50 4.60
CA HIS B 76 -21.63 -15.05 4.43
C HIS B 76 -22.01 -14.17 5.61
N ILE B 77 -22.44 -12.93 5.32
CA ILE B 77 -22.73 -11.96 6.36
C ILE B 77 -24.22 -11.71 6.54
N PHE B 78 -24.69 -11.69 7.79
CA PHE B 78 -26.06 -11.29 8.12
C PHE B 78 -26.06 -10.10 9.09
N LEU B 79 -26.85 -9.08 8.77
CA LEU B 79 -26.91 -7.86 9.57
C LEU B 79 -28.17 -7.73 10.40
N LYS B 80 -28.05 -7.15 11.59
CA LYS B 80 -29.21 -6.70 12.32
C LYS B 80 -29.92 -5.72 11.39
N PRO B 81 -31.24 -5.85 11.26
CA PRO B 81 -31.92 -5.04 10.25
C PRO B 81 -31.67 -3.53 10.43
N ASN B 82 -31.56 -2.84 9.29
N ASN B 82 -31.66 -2.76 9.36
CA ASN B 82 -31.41 -1.39 9.19
CA ASN B 82 -31.60 -1.32 9.55
C ASN B 82 -30.07 -0.83 9.65
C ASN B 82 -30.34 -0.93 10.35
N SER B 83 -29.25 -1.71 10.20
CA SER B 83 -28.03 -1.34 10.91
C SER B 83 -26.76 -1.71 10.17
N ASN B 84 -25.64 -1.23 10.72
CA ASN B 84 -24.33 -1.65 10.25
C ASN B 84 -23.77 -2.74 11.16
N GLU B 85 -24.64 -3.31 11.99
CA GLU B 85 -24.20 -4.33 12.94
C GLU B 85 -24.32 -5.75 12.39
N ILE B 86 -23.26 -6.52 12.54
CA ILE B 86 -23.23 -7.89 12.07
C ILE B 86 -23.92 -8.79 13.09
N GLY B 87 -24.94 -9.51 12.66
CA GLY B 87 -25.68 -10.39 13.56
C GLY B 87 -25.24 -11.84 13.49
N LYS B 88 -24.66 -12.22 12.34
CA LYS B 88 -24.22 -13.61 12.13
C LYS B 88 -23.26 -13.70 10.96
N VAL B 89 -22.35 -14.68 11.03
CA VAL B 89 -21.39 -14.95 9.96
C VAL B 89 -21.37 -16.44 9.67
N GLU B 90 -21.55 -16.82 8.40
CA GLU B 90 -21.46 -18.21 7.97
C GLU B 90 -20.27 -18.46 7.06
N SER B 91 -19.82 -19.71 7.04
CA SER B 91 -18.70 -20.10 6.20
C SER B 91 -19.05 -20.04 4.72
N ALA B 92 -18.03 -20.07 3.88
CA ALA B 92 -18.23 -20.05 2.44
C ALA B 92 -17.99 -21.44 1.85
N SER B 93 -18.71 -21.73 0.77
CA SER B 93 -18.57 -23.00 0.07
C SER B 93 -17.34 -22.96 -0.82
N PRO B 94 -16.84 -24.13 -1.23
CA PRO B 94 -15.71 -24.20 -2.15
C PRO B 94 -16.04 -23.46 -3.45
N GLU B 95 -17.32 -23.44 -3.81
CA GLU B 95 -17.76 -22.70 -4.98
C GLU B 95 -17.58 -21.20 -4.76
N ASP B 96 -17.97 -20.73 -3.57
CA ASP B 96 -17.78 -19.34 -3.17
C ASP B 96 -16.31 -18.94 -3.29
N VAL B 97 -15.45 -19.74 -2.66
CA VAL B 97 -14.01 -19.50 -2.69
C VAL B 97 -13.55 -19.36 -4.13
N ARG B 98 -13.87 -20.37 -4.93
CA ARG B 98 -13.51 -20.38 -6.34
C ARG B 98 -14.00 -19.12 -7.05
N TYR B 99 -15.25 -18.73 -6.80
CA TYR B 99 -15.81 -17.57 -7.48
C TYR B 99 -15.11 -16.27 -7.09
N PHE B 100 -14.89 -16.08 -5.79
CA PHE B 100 -14.24 -14.84 -5.35
C PHE B 100 -12.80 -14.75 -5.82
N LYS B 101 -12.15 -15.90 -5.99
CA LYS B 101 -10.82 -15.90 -6.55
C LYS B 101 -10.81 -15.46 -8.01
N THR B 102 -11.94 -15.63 -8.69
CA THR B 102 -12.01 -15.18 -10.09
C THR B 102 -12.20 -13.67 -10.19
N ILE B 103 -12.96 -13.09 -9.26
CA ILE B 103 -13.28 -11.67 -9.33
C ILE B 103 -12.33 -10.78 -8.52
N LEU B 104 -11.80 -11.31 -7.42
CA LEU B 104 -10.81 -10.58 -6.64
C LEU B 104 -9.46 -11.21 -6.91
N THR B 105 -8.74 -10.66 -7.88
CA THR B 105 -7.68 -11.40 -8.52
C THR B 105 -6.35 -10.66 -8.51
N LYS B 106 -5.27 -11.41 -8.67
CA LYS B 106 -3.94 -10.84 -8.68
CA LYS B 106 -3.93 -10.85 -8.68
C LYS B 106 -3.50 -10.45 -10.09
N GLU B 107 -4.29 -10.84 -11.08
CA GLU B 107 -3.98 -10.52 -12.46
CA GLU B 107 -3.95 -10.50 -12.46
C GLU B 107 -4.13 -9.04 -12.77
N VAL B 108 -3.11 -8.48 -13.42
CA VAL B 108 -3.12 -7.10 -13.88
C VAL B 108 -3.58 -7.12 -15.34
N LYS B 109 -4.86 -6.82 -15.54
CA LYS B 109 -5.44 -6.79 -16.88
C LYS B 109 -5.24 -5.43 -17.52
N GLY B 110 -4.63 -5.42 -18.70
CA GLY B 110 -4.35 -4.18 -19.41
C GLY B 110 -5.58 -3.60 -20.10
N GLN B 111 -5.65 -2.27 -20.12
CA GLN B 111 -6.74 -1.59 -20.81
C GLN B 111 -6.61 -1.81 -22.32
N THR B 112 -7.69 -2.24 -22.95
CA THR B 112 -7.68 -2.61 -24.37
C THR B 112 -7.47 -1.43 -25.31
N ASN B 113 -8.43 -0.51 -25.34
CA ASN B 113 -8.36 0.63 -26.24
C ASN B 113 -7.18 1.57 -25.93
N LYS B 114 -6.74 2.27 -26.96
CA LYS B 114 -5.54 3.09 -26.86
C LYS B 114 -5.87 4.45 -26.27
N LEU B 115 -5.35 4.72 -25.08
CA LEU B 115 -5.58 5.98 -24.40
C LEU B 115 -4.25 6.61 -24.08
N ALA B 116 -4.23 7.93 -23.93
CA ALA B 116 -3.04 8.64 -23.50
C ALA B 116 -3.02 8.69 -21.98
N SER B 117 -1.90 8.30 -21.38
CA SER B 117 -1.82 8.28 -19.93
CA SER B 117 -1.78 8.27 -19.93
C SER B 117 -1.44 9.64 -19.35
N VAL B 118 -0.97 10.55 -20.19
CA VAL B 118 -0.56 11.86 -19.70
C VAL B 118 -1.29 13.00 -20.39
N ILE B 119 -2.00 13.79 -19.60
CA ILE B 119 -2.78 14.91 -20.09
C ILE B 119 -1.82 16.03 -20.51
N PRO B 120 -2.09 16.66 -21.66
CA PRO B 120 -1.09 17.56 -22.27
C PRO B 120 -0.76 18.83 -21.50
N ASP B 121 -1.71 19.37 -20.73
CA ASP B 121 -1.47 20.61 -20.02
C ASP B 121 -2.53 20.83 -18.96
N VAL B 122 -2.30 21.84 -18.12
CA VAL B 122 -3.21 22.14 -17.02
CA VAL B 122 -3.20 22.18 -17.03
C VAL B 122 -4.57 22.66 -17.51
C VAL B 122 -4.58 22.56 -17.57
N ALA B 123 -4.58 23.34 -18.64
CA ALA B 123 -5.84 23.77 -19.26
C ALA B 123 -6.73 22.56 -19.49
N THR B 124 -6.15 21.51 -20.05
CA THR B 124 -6.89 20.29 -20.35
C THR B 124 -7.29 19.59 -19.06
N LEU B 125 -6.39 19.57 -18.09
CA LEU B 125 -6.71 19.02 -16.76
C LEU B 125 -7.94 19.71 -16.19
N ASN B 126 -7.96 21.03 -16.27
CA ASN B 126 -9.09 21.80 -15.72
C ASN B 126 -10.38 21.58 -16.50
N SER B 127 -10.25 21.38 -17.81
CA SER B 127 -11.42 21.07 -18.63
C SER B 127 -11.99 19.74 -18.21
N LEU B 128 -11.13 18.75 -18.01
CA LEU B 128 -11.60 17.45 -17.52
C LEU B 128 -12.28 17.59 -16.15
N PHE B 129 -11.70 18.40 -15.27
CA PHE B 129 -12.32 18.63 -13.97
C PHE B 129 -13.75 19.17 -14.15
N ASN B 130 -13.89 20.19 -15.00
CA ASN B 130 -15.20 20.78 -15.26
C ASN B 130 -16.19 19.79 -15.86
N GLN B 131 -15.70 18.94 -16.77
CA GLN B 131 -16.56 17.91 -17.37
C GLN B 131 -17.06 16.95 -16.32
N ILE B 132 -16.17 16.58 -15.40
CA ILE B 132 -16.56 15.69 -14.31
C ILE B 132 -17.57 16.36 -13.39
N LYS B 133 -17.29 17.60 -13.01
CA LYS B 133 -18.17 18.32 -12.11
C LYS B 133 -19.56 18.51 -12.75
N ASN B 134 -19.58 18.73 -14.06
CA ASN B 134 -20.84 18.83 -14.80
C ASN B 134 -21.73 17.58 -14.71
N GLN B 135 -21.15 16.46 -14.32
CA GLN B 135 -21.90 15.23 -14.19
C GLN B 135 -22.35 14.95 -12.75
N SER B 136 -22.13 15.92 -11.87
CA SER B 136 -22.49 15.78 -10.46
C SER B 136 -24.00 15.70 -10.29
N CYS B 137 -24.46 14.70 -9.52
CA CYS B 137 -25.86 14.69 -9.11
C CYS B 137 -26.25 16.03 -8.46
N GLY B 138 -27.44 16.52 -8.78
CA GLY B 138 -27.89 17.80 -8.26
C GLY B 138 -27.66 18.98 -9.19
N THR B 139 -26.87 18.79 -10.24
CA THR B 139 -26.69 19.85 -11.23
C THR B 139 -27.64 19.62 -12.40
N SER B 140 -27.92 20.68 -13.14
CA SER B 140 -28.84 20.59 -14.26
C SER B 140 -28.17 19.98 -15.50
N THR B 141 -26.84 20.07 -15.55
CA THR B 141 -26.09 19.60 -16.72
C THR B 141 -25.89 18.08 -16.77
N ALA B 142 -25.97 17.43 -15.61
CA ALA B 142 -25.63 16.01 -15.50
C ALA B 142 -26.59 15.08 -16.21
N SER B 143 -26.03 14.02 -16.80
CA SER B 143 -26.84 12.95 -17.35
CA SER B 143 -26.82 12.94 -17.36
C SER B 143 -26.96 11.81 -16.35
N SER B 144 -27.77 10.82 -16.69
CA SER B 144 -27.99 9.67 -15.83
CA SER B 144 -27.97 9.68 -15.81
C SER B 144 -27.18 8.48 -16.31
N PRO B 145 -26.51 7.77 -15.38
CA PRO B 145 -26.50 8.07 -13.94
C PRO B 145 -25.52 9.20 -13.64
N CYS B 146 -25.93 10.14 -12.82
CA CYS B 146 -25.07 11.24 -12.41
C CYS B 146 -24.10 10.71 -11.34
N ILE B 147 -23.01 11.44 -11.14
CA ILE B 147 -22.02 11.03 -10.17
CA ILE B 147 -21.99 11.06 -10.17
C ILE B 147 -22.39 11.60 -8.80
N THR B 148 -22.49 10.70 -7.83
CA THR B 148 -23.05 11.01 -6.51
C THR B 148 -22.06 11.65 -5.54
N PHE B 149 -21.40 12.73 -5.98
CA PHE B 149 -20.37 13.39 -5.19
C PHE B 149 -20.96 13.92 -3.89
N ARG B 150 -22.22 14.36 -3.94
CA ARG B 150 -22.87 14.96 -2.78
C ARG B 150 -23.21 13.95 -1.69
N TYR B 151 -23.05 12.66 -1.99
CA TYR B 151 -23.32 11.61 -1.02
C TYR B 151 -22.02 10.87 -0.69
N PRO B 152 -21.27 11.37 0.32
CA PRO B 152 -19.97 10.74 0.62
C PRO B 152 -20.03 9.46 1.43
N VAL B 153 -21.20 9.05 1.90
CA VAL B 153 -21.26 7.89 2.77
C VAL B 153 -20.55 6.68 2.18
N ASP B 154 -20.85 6.35 0.93
CA ASP B 154 -20.19 5.22 0.28
C ASP B 154 -20.25 5.43 -1.22
N GLY B 155 -19.66 4.53 -1.99
N GLY B 155 -19.64 4.52 -1.97
CA GLY B 155 -19.72 4.60 -3.43
CA GLY B 155 -19.71 4.54 -3.42
C GLY B 155 -18.55 5.35 -4.05
C GLY B 155 -18.46 5.11 -4.09
N CYS B 156 -17.46 5.51 -3.30
CA CYS B 156 -16.25 6.15 -3.85
C CYS B 156 -15.74 5.43 -5.10
N TYR B 157 -15.79 4.09 -5.07
CA TYR B 157 -15.28 3.28 -6.16
C TYR B 157 -16.07 3.53 -7.44
N ALA B 158 -17.38 3.66 -7.31
CA ALA B 158 -18.21 3.92 -8.48
C ALA B 158 -17.98 5.34 -8.98
N ARG B 159 -17.82 6.30 -8.07
CA ARG B 159 -17.60 7.67 -8.51
C ARG B 159 -16.28 7.75 -9.26
N ALA B 160 -15.27 7.05 -8.76
CA ALA B 160 -13.94 7.12 -9.39
C ALA B 160 -13.94 6.48 -10.77
N HIS B 161 -14.64 5.37 -10.91
CA HIS B 161 -14.68 4.67 -12.20
C HIS B 161 -15.44 5.50 -13.22
N LYS B 162 -16.47 6.18 -12.76
CA LYS B 162 -17.23 7.08 -13.63
C LYS B 162 -16.39 8.29 -14.04
N MET B 163 -15.57 8.83 -13.12
CA MET B 163 -14.71 9.94 -13.48
C MET B 163 -13.69 9.46 -14.51
N ARG B 164 -13.21 8.23 -14.35
CA ARG B 164 -12.25 7.70 -15.31
C ARG B 164 -12.91 7.58 -16.69
N GLN B 165 -14.15 7.13 -16.72
CA GLN B 165 -14.85 7.00 -18.01
C GLN B 165 -14.88 8.33 -18.74
N ILE B 166 -15.14 9.39 -17.98
CA ILE B 166 -15.11 10.74 -18.56
C ILE B 166 -13.75 11.06 -19.17
N LEU B 167 -12.66 10.74 -18.48
CA LEU B 167 -11.35 10.90 -19.10
C LEU B 167 -11.24 10.05 -20.37
N MET B 168 -11.76 8.83 -20.33
CA MET B 168 -11.64 7.95 -21.48
C MET B 168 -12.44 8.49 -22.66
N ASN B 169 -13.55 9.16 -22.35
CA ASN B 169 -14.39 9.78 -23.38
C ASN B 169 -13.63 10.90 -24.06
N ASN B 170 -12.53 11.32 -23.43
CA ASN B 170 -11.65 12.35 -23.95
C ASN B 170 -10.34 11.78 -24.49
N GLY B 171 -10.23 10.45 -24.45
N GLY B 171 -10.19 10.45 -24.49
CA GLY B 171 -9.07 9.74 -24.97
CA GLY B 171 -8.97 9.84 -24.99
C GLY B 171 -7.97 9.45 -23.96
C GLY B 171 -7.83 9.78 -23.98
N TYR B 172 -8.20 9.79 -22.70
CA TYR B 172 -7.16 9.69 -21.66
C TYR B 172 -7.44 8.56 -20.69
N ASP B 173 -6.38 8.05 -20.08
CA ASP B 173 -6.55 7.15 -18.94
C ASP B 173 -5.93 7.88 -17.74
N CYS B 174 -5.92 7.20 -16.61
CA CYS B 174 -5.41 7.80 -15.39
C CYS B 174 -5.05 6.66 -14.46
N GLU B 175 -4.49 7.00 -13.30
CA GLU B 175 -4.35 6.02 -12.24
C GLU B 175 -5.50 6.15 -11.25
N LYS B 176 -5.66 5.15 -10.40
CA LYS B 176 -6.44 5.31 -9.17
C LYS B 176 -5.45 5.45 -8.02
N GLN B 177 -5.80 6.27 -7.02
CA GLN B 177 -5.09 6.17 -5.73
C GLN B 177 -6.08 5.66 -4.71
N PHE B 178 -5.73 4.54 -4.06
CA PHE B 178 -6.51 4.02 -2.94
C PHE B 178 -5.78 4.37 -1.67
N VAL B 179 -6.49 4.97 -0.72
CA VAL B 179 -5.92 5.29 0.60
C VAL B 179 -6.70 4.47 1.63
N TYR B 180 -6.00 3.89 2.60
CA TYR B 180 -6.65 2.98 3.53
C TYR B 180 -6.37 3.47 4.92
N GLY B 181 -7.28 3.20 5.86
CA GLY B 181 -6.98 3.47 7.25
C GLY B 181 -8.25 3.65 8.04
N ASN B 182 -8.09 4.30 9.19
CA ASN B 182 -9.22 4.72 10.01
C ASN B 182 -9.56 6.11 9.52
N LEU B 183 -10.32 6.18 8.43
CA LEU B 183 -10.52 7.45 7.76
C LEU B 183 -11.80 8.17 8.20
N LYS B 184 -11.73 9.49 8.27
CA LYS B 184 -12.89 10.32 8.51
C LYS B 184 -12.79 11.59 7.67
N ALA B 185 -13.90 11.97 7.05
CA ALA B 185 -13.90 13.15 6.21
C ALA B 185 -15.13 14.00 6.48
N SER B 186 -15.00 15.30 6.28
CA SER B 186 -16.12 16.21 6.49
C SER B 186 -16.57 16.88 5.20
N THR B 187 -17.88 17.03 5.08
CA THR B 187 -18.49 17.75 3.98
C THR B 187 -18.50 19.25 4.28
N GLY B 188 -18.23 19.59 5.54
CA GLY B 188 -18.39 20.96 5.98
C GLY B 188 -19.54 21.06 6.98
N THR B 189 -20.45 20.10 6.92
CA THR B 189 -21.60 20.08 7.83
C THR B 189 -21.75 18.76 8.59
N CYS B 190 -21.24 17.66 8.03
CA CYS B 190 -21.31 16.38 8.71
C CYS B 190 -20.08 15.55 8.37
N CYS B 191 -19.80 14.52 9.17
CA CYS B 191 -18.64 13.67 8.92
C CYS B 191 -19.04 12.26 8.51
N VAL B 192 -18.18 11.60 7.73
CA VAL B 192 -18.38 10.19 7.43
C VAL B 192 -17.12 9.42 7.79
N ALA B 193 -17.29 8.14 8.09
CA ALA B 193 -16.15 7.27 8.39
C ALA B 193 -15.98 6.27 7.27
N TRP B 194 -14.73 6.06 6.85
CA TRP B 194 -14.42 5.13 5.77
C TRP B 194 -13.25 4.24 6.16
N SER B 195 -13.24 3.02 5.64
CA SER B 195 -12.11 2.10 5.78
C SER B 195 -11.08 2.35 4.66
N TYR B 196 -11.54 2.95 3.57
CA TYR B 196 -10.65 3.35 2.47
C TYR B 196 -11.37 4.42 1.64
N HIS B 197 -10.61 5.04 0.75
CA HIS B 197 -11.19 5.97 -0.21
C HIS B 197 -10.39 5.86 -1.51
N VAL B 198 -11.02 6.22 -2.61
CA VAL B 198 -10.31 6.16 -3.88
C VAL B 198 -10.78 7.34 -4.71
N ALA B 199 -9.90 7.85 -5.56
CA ALA B 199 -10.28 8.83 -6.58
C ALA B 199 -9.29 8.69 -7.72
N ILE B 200 -9.48 9.49 -8.78
CA ILE B 200 -8.59 9.36 -9.92
C ILE B 200 -7.38 10.25 -9.72
N LEU B 201 -6.22 9.71 -10.08
CA LEU B 201 -4.97 10.40 -9.97
C LEU B 201 -4.50 10.63 -11.39
N VAL B 202 -4.57 11.90 -11.80
CA VAL B 202 -4.38 12.25 -13.20
C VAL B 202 -2.98 12.81 -13.42
N SER B 203 -2.28 12.25 -14.39
CA SER B 203 -0.97 12.75 -14.78
C SER B 203 -1.14 13.77 -15.90
N TYR B 204 -0.41 14.88 -15.81
CA TYR B 204 -0.44 15.90 -16.84
C TYR B 204 0.91 16.62 -16.92
N LYS B 205 1.17 17.25 -18.06
CA LYS B 205 2.41 17.98 -18.23
CA LYS B 205 2.40 17.99 -18.25
C LYS B 205 2.25 19.41 -17.72
N ASN B 206 3.15 19.81 -16.81
CA ASN B 206 3.05 21.15 -16.26
C ASN B 206 3.64 22.18 -17.21
N ALA B 207 3.78 23.42 -16.77
CA ALA B 207 4.19 24.50 -17.64
C ALA B 207 5.60 24.31 -18.18
N SER B 208 6.38 23.45 -17.52
CA SER B 208 7.75 23.20 -17.94
CA SER B 208 7.76 23.20 -17.93
C SER B 208 7.89 21.85 -18.64
N GLY B 209 6.76 21.21 -18.91
CA GLY B 209 6.78 19.94 -19.60
C GLY B 209 7.13 18.78 -18.69
N VAL B 210 7.12 19.03 -17.38
CA VAL B 210 7.37 17.97 -16.40
C VAL B 210 6.04 17.33 -15.99
N THR B 211 6.01 16.01 -15.94
CA THR B 211 4.78 15.32 -15.55
C THR B 211 4.51 15.53 -14.06
N GLU B 212 3.31 15.99 -13.73
CA GLU B 212 2.88 16.04 -12.34
C GLU B 212 1.58 15.26 -12.22
N LYS B 213 1.13 15.05 -11.00
CA LYS B 213 -0.15 14.37 -10.81
C LYS B 213 -1.03 15.16 -9.85
N ARG B 214 -2.33 15.10 -10.10
CA ARG B 214 -3.31 15.66 -9.18
C ARG B 214 -4.47 14.70 -9.04
N ILE B 215 -5.06 14.71 -7.85
CA ILE B 215 -6.29 13.98 -7.64
C ILE B 215 -7.45 14.85 -8.12
N ILE B 216 -8.43 14.22 -8.74
CA ILE B 216 -9.71 14.86 -8.94
C ILE B 216 -10.74 14.15 -8.08
N ASP B 217 -11.38 14.90 -7.18
CA ASP B 217 -12.37 14.31 -6.30
C ASP B 217 -13.34 15.36 -5.78
N PRO B 218 -14.40 15.64 -6.54
CA PRO B 218 -15.38 16.64 -6.12
C PRO B 218 -16.19 16.23 -4.89
N SER B 219 -16.06 15.01 -4.41
CA SER B 219 -16.77 14.69 -3.17
C SER B 219 -16.06 15.33 -1.99
N LEU B 220 -14.79 15.72 -2.17
CA LEU B 220 -14.00 16.33 -1.10
CA LEU B 220 -14.03 16.35 -1.10
C LEU B 220 -13.45 17.71 -1.48
N PHE B 221 -13.25 17.95 -2.77
CA PHE B 221 -12.69 19.22 -3.23
C PHE B 221 -13.47 19.70 -4.45
N SER B 222 -14.36 20.67 -4.24
CA SER B 222 -15.26 21.09 -5.31
CA SER B 222 -15.27 21.10 -5.31
C SER B 222 -14.63 22.09 -6.28
N SER B 223 -13.52 22.71 -5.91
CA SER B 223 -12.97 23.80 -6.70
CA SER B 223 -12.98 23.81 -6.70
C SER B 223 -12.03 23.38 -7.82
N GLY B 224 -11.39 22.23 -7.67
CA GLY B 224 -10.45 21.83 -8.70
C GLY B 224 -9.61 20.62 -8.32
N PRO B 225 -8.69 20.23 -9.20
CA PRO B 225 -7.72 19.17 -8.89
C PRO B 225 -6.86 19.57 -7.69
N VAL B 226 -6.46 18.59 -6.87
CA VAL B 226 -5.63 18.88 -5.71
C VAL B 226 -4.51 17.88 -5.62
N THR B 227 -3.49 18.18 -4.81
CA THR B 227 -2.41 17.23 -4.65
C THR B 227 -2.95 16.00 -3.92
N ASP B 228 -2.32 14.85 -4.15
CA ASP B 228 -2.79 13.66 -3.46
C ASP B 228 -2.51 13.81 -1.97
N THR B 229 -1.46 14.56 -1.63
CA THR B 229 -1.15 14.79 -0.23
CA THR B 229 -1.14 14.85 -0.24
C THR B 229 -2.28 15.56 0.44
N ALA B 230 -2.78 16.62 -0.20
CA ALA B 230 -3.93 17.35 0.35
C ALA B 230 -5.16 16.46 0.44
N TRP B 231 -5.35 15.63 -0.58
CA TRP B 231 -6.51 14.74 -0.65
C TRP B 231 -6.46 13.73 0.49
N ARG B 232 -5.31 13.07 0.70
CA ARG B 232 -5.23 12.11 1.81
C ARG B 232 -5.45 12.79 3.16
N ASN B 233 -4.97 14.03 3.29
CA ASN B 233 -5.21 14.80 4.51
C ASN B 233 -6.70 15.01 4.80
N ALA B 234 -7.48 15.25 3.74
CA ALA B 234 -8.92 15.43 3.89
C ALA B 234 -9.61 14.14 4.35
N CYS B 235 -8.92 13.00 4.21
CA CYS B 235 -9.46 11.72 4.65
C CYS B 235 -9.10 11.39 6.09
N VAL B 236 -8.39 12.30 6.75
CA VAL B 236 -8.07 12.11 8.16
C VAL B 236 -8.41 13.37 8.93
N ASN B 237 -9.68 13.74 8.84
CA ASN B 237 -10.17 14.95 9.47
C ASN B 237 -10.46 14.68 10.95
N THR B 238 -9.55 15.11 11.82
CA THR B 238 -9.62 14.70 13.22
C THR B 238 -10.70 15.48 13.97
N SER B 239 -11.31 16.46 13.29
CA SER B 239 -12.46 17.15 13.84
CA SER B 239 -12.45 17.15 13.86
C SER B 239 -13.64 16.19 13.94
N CYS B 240 -13.58 15.11 13.17
CA CYS B 240 -14.65 14.12 13.11
C CYS B 240 -14.43 12.98 14.10
N GLY B 241 -13.25 12.96 14.71
CA GLY B 241 -12.86 11.85 15.55
C GLY B 241 -11.44 11.47 15.22
N SER B 242 -10.98 10.35 15.76
CA SER B 242 -9.60 9.94 15.52
C SER B 242 -9.53 9.44 14.08
N ALA B 243 -8.38 9.60 13.46
CA ALA B 243 -8.26 9.19 12.07
C ALA B 243 -6.79 9.07 11.76
N SER B 244 -6.46 8.17 10.86
CA SER B 244 -5.08 8.01 10.41
C SER B 244 -5.05 7.17 9.15
N VAL B 245 -4.06 7.44 8.31
CA VAL B 245 -3.81 6.61 7.14
C VAL B 245 -2.89 5.45 7.49
N SER B 246 -3.24 4.26 7.05
CA SER B 246 -2.37 3.10 7.24
CA SER B 246 -2.37 3.10 7.23
C SER B 246 -1.53 2.82 6.00
N SER B 247 -2.07 3.16 4.84
CA SER B 247 -1.34 2.94 3.58
C SER B 247 -2.03 3.64 2.42
N TYR B 248 -1.30 3.80 1.30
CA TYR B 248 -1.95 4.12 0.04
C TYR B 248 -1.22 3.39 -1.07
N ALA B 249 -1.92 3.17 -2.17
CA ALA B 249 -1.32 2.55 -3.33
C ALA B 249 -1.95 3.11 -4.58
N ASN B 250 -1.11 3.43 -5.55
CA ASN B 250 -1.59 3.85 -6.87
C ASN B 250 -1.72 2.63 -7.76
N THR B 251 -2.78 2.60 -8.56
CA THR B 251 -3.00 1.48 -9.48
C THR B 251 -3.35 2.01 -10.86
N ALA B 252 -3.31 1.11 -11.83
CA ALA B 252 -3.88 1.41 -13.15
C ALA B 252 -5.32 1.91 -13.00
N GLY B 253 -5.74 2.80 -13.89
CA GLY B 253 -7.08 3.36 -13.81
C GLY B 253 -8.17 2.31 -13.89
N ASN B 254 -7.92 1.20 -14.60
CA ASN B 254 -8.99 0.24 -14.81
C ASN B 254 -9.29 -0.62 -13.57
N VAL B 255 -8.50 -0.45 -12.51
CA VAL B 255 -8.81 -1.15 -11.28
C VAL B 255 -9.98 -0.46 -10.59
N TYR B 256 -11.05 -1.20 -10.39
CA TYR B 256 -12.25 -0.72 -9.72
C TYR B 256 -12.07 -0.68 -8.22
N TYR B 257 -11.50 -1.76 -7.68
CA TYR B 257 -11.20 -1.83 -6.25
C TYR B 257 -9.91 -2.60 -6.05
N ARG B 258 -9.04 -2.08 -5.18
CA ARG B 258 -7.84 -2.79 -4.76
C ARG B 258 -7.95 -3.13 -3.28
N SER B 259 -7.78 -4.41 -2.94
CA SER B 259 -7.83 -4.84 -1.56
C SER B 259 -6.49 -4.53 -0.86
N PRO B 260 -6.47 -4.57 0.47
CA PRO B 260 -5.20 -4.33 1.18
C PRO B 260 -4.15 -5.40 0.89
N SER B 261 -4.58 -6.51 0.30
CA SER B 261 -3.68 -7.58 -0.11
C SER B 261 -3.23 -7.43 -1.56
N ASN B 262 -3.54 -6.28 -2.17
CA ASN B 262 -3.12 -6.00 -3.53
C ASN B 262 -3.80 -6.88 -4.57
N SER B 263 -5.00 -7.35 -4.24
CA SER B 263 -5.85 -8.00 -5.23
CA SER B 263 -5.85 -8.01 -5.23
C SER B 263 -6.74 -6.95 -5.89
N TYR B 264 -7.15 -7.22 -7.12
CA TYR B 264 -7.93 -6.26 -7.88
CA TYR B 264 -7.94 -6.27 -7.87
C TYR B 264 -9.31 -6.79 -8.23
N LEU B 265 -10.29 -5.89 -8.19
CA LEU B 265 -11.62 -6.14 -8.70
CA LEU B 265 -11.62 -6.14 -8.70
C LEU B 265 -11.78 -5.20 -9.87
N TYR B 266 -12.36 -5.70 -10.97
CA TYR B 266 -12.56 -4.90 -12.17
C TYR B 266 -14.05 -4.66 -12.41
N ASP B 267 -14.35 -3.61 -13.17
CA ASP B 267 -15.73 -3.33 -13.54
C ASP B 267 -15.74 -2.84 -14.97
N ASN B 268 -15.34 -3.71 -15.89
CA ASN B 268 -15.33 -3.30 -17.27
CA ASN B 268 -15.36 -3.41 -17.30
C ASN B 268 -16.79 -3.14 -17.76
N ASN B 269 -16.99 -2.13 -18.59
CA ASN B 269 -18.31 -1.73 -19.04
C ASN B 269 -19.17 -1.05 -17.98
N LEU B 270 -18.59 -0.81 -16.81
CA LEU B 270 -19.25 -0.06 -15.74
CA LEU B 270 -19.27 -0.02 -15.78
C LEU B 270 -20.64 -0.56 -15.36
N ILE B 271 -20.84 -1.86 -15.47
CA ILE B 271 -22.11 -2.44 -15.04
CA ILE B 271 -22.10 -2.46 -15.03
C ILE B 271 -22.36 -2.18 -13.55
N ASN B 272 -21.38 -2.47 -12.71
CA ASN B 272 -21.54 -2.22 -11.28
C ASN B 272 -21.55 -0.73 -10.98
N THR B 273 -20.61 -0.01 -11.59
CA THR B 273 -20.53 1.44 -11.40
C THR B 273 -21.87 2.12 -11.61
N ASN B 274 -22.46 1.90 -12.78
CA ASN B 274 -23.70 2.58 -13.12
C ASN B 274 -24.85 2.20 -12.20
N CYS B 275 -24.87 0.94 -11.79
CA CYS B 275 -25.93 0.44 -10.92
C CYS B 275 -25.83 1.11 -9.56
N VAL B 276 -24.61 1.25 -9.05
CA VAL B 276 -24.41 1.86 -7.74
C VAL B 276 -24.75 3.35 -7.76
N LEU B 277 -24.34 4.03 -8.82
CA LEU B 277 -24.61 5.46 -8.91
C LEU B 277 -26.12 5.67 -8.93
N THR B 278 -26.81 4.81 -9.65
CA THR B 278 -28.28 4.91 -9.73
C THR B 278 -28.89 4.73 -8.36
N LYS B 279 -28.46 3.69 -7.65
CA LYS B 279 -29.00 3.44 -6.31
CA LYS B 279 -28.98 3.42 -6.30
C LYS B 279 -28.80 4.59 -5.34
N PHE B 280 -27.71 5.36 -5.51
CA PHE B 280 -27.42 6.47 -4.60
C PHE B 280 -27.83 7.81 -5.18
N SER B 281 -28.53 7.77 -6.31
CA SER B 281 -28.81 8.98 -7.08
CA SER B 281 -28.81 8.98 -7.08
C SER B 281 -29.55 10.07 -6.31
N LEU B 282 -30.48 9.67 -5.45
CA LEU B 282 -31.29 10.65 -4.72
C LEU B 282 -30.72 11.02 -3.37
N LEU B 283 -29.58 10.44 -3.03
CA LEU B 283 -29.04 10.59 -1.68
C LEU B 283 -28.03 11.72 -1.57
N SER B 284 -27.95 12.35 -0.39
CA SER B 284 -27.05 13.48 -0.20
CA SER B 284 -27.01 13.45 -0.20
C SER B 284 -26.66 13.61 1.27
N GLY B 285 -25.42 14.01 1.53
CA GLY B 285 -24.95 14.22 2.89
C GLY B 285 -24.50 12.93 3.56
N CYS B 286 -24.50 12.94 4.90
CA CYS B 286 -23.95 11.81 5.66
C CYS B 286 -24.98 10.77 6.08
N SER B 287 -26.21 10.90 5.62
CA SER B 287 -27.24 9.89 5.81
CA SER B 287 -27.22 9.87 5.80
C SER B 287 -27.97 9.66 4.49
N PRO B 288 -28.50 8.45 4.27
CA PRO B 288 -28.49 7.28 5.16
C PRO B 288 -27.11 6.67 5.39
N SER B 289 -26.86 6.21 6.62
CA SER B 289 -25.71 5.38 6.94
C SER B 289 -26.18 4.30 7.90
N PRO B 290 -26.01 3.01 7.55
CA PRO B 290 -25.37 2.58 6.30
CA PRO B 290 -25.40 2.53 6.29
C PRO B 290 -26.15 2.95 5.03
N ALA B 291 -25.43 2.97 3.90
CA ALA B 291 -26.02 3.26 2.61
C ALA B 291 -27.03 2.16 2.22
N PRO B 292 -27.94 2.47 1.28
CA PRO B 292 -28.90 1.49 0.76
C PRO B 292 -28.20 0.29 0.13
N ASP B 293 -28.85 -0.87 0.16
CA ASP B 293 -28.28 -2.10 -0.38
C ASP B 293 -27.93 -1.97 -1.87
N VAL B 294 -26.75 -2.44 -2.25
CA VAL B 294 -26.35 -2.49 -3.66
C VAL B 294 -26.02 -3.91 -4.11
N SER B 295 -26.43 -4.90 -3.33
CA SER B 295 -26.15 -6.30 -3.64
CA SER B 295 -26.17 -6.30 -3.64
C SER B 295 -26.75 -6.71 -4.98
N SER B 296 -27.87 -6.08 -5.36
CA SER B 296 -28.53 -6.40 -6.61
C SER B 296 -27.63 -6.04 -7.80
N CYS B 297 -26.78 -5.04 -7.61
CA CYS B 297 -25.83 -4.64 -8.63
C CYS B 297 -24.81 -5.74 -8.86
N GLY B 298 -24.67 -6.17 -10.11
CA GLY B 298 -23.70 -7.20 -10.43
C GLY B 298 -22.56 -6.63 -11.24
N PHE B 299 -21.92 -7.49 -12.03
CA PHE B 299 -20.84 -7.07 -12.92
C PHE B 299 -21.09 -7.60 -14.33
C1 CIT C . 1.63 10.94 6.38
O1 CIT C . 2.27 11.51 7.31
O2 CIT C . 2.28 10.49 5.40
C2 CIT C . 0.12 10.80 6.40
C3 CIT C . -0.42 11.70 5.29
O7 CIT C . 0.20 12.99 5.41
C4 CIT C . -1.94 11.83 5.33
C5 CIT C . -2.35 12.67 6.51
O3 CIT C . -2.74 13.85 6.34
O4 CIT C . -2.32 12.19 7.68
C6 CIT C . -0.07 11.09 3.93
O5 CIT C . -0.45 9.92 3.67
O6 CIT C . 0.61 11.74 3.09
C1 CIT D . 7.08 12.25 -2.85
O1 CIT D . 7.00 12.20 -4.09
O2 CIT D . 7.76 13.14 -2.31
C2 CIT D . 6.36 11.24 -1.99
C3 CIT D . 4.91 11.70 -1.89
O7 CIT D . 4.81 13.13 -1.60
C4 CIT D . 4.16 11.38 -3.17
C5 CIT D . 2.76 11.95 -3.08
O3 CIT D . 2.37 12.87 -3.86
O4 CIT D . 1.97 11.51 -2.21
C6 CIT D . 4.30 10.91 -0.75
O5 CIT D . 4.28 9.65 -0.80
O6 CIT D . 3.85 11.56 0.23
#